data_7AAH
#
_entry.id   7AAH
#
_cell.length_a   63.714
_cell.length_b   63.909
_cell.length_c   71.889
_cell.angle_alpha   90.00
_cell.angle_beta   90.00
_cell.angle_gamma   90.00
#
_symmetry.space_group_name_H-M   'P 21 21 21'
#
loop_
_entity.id
_entity.type
_entity.pdbx_description
1 polymer 'Marginal zone B- and B1-cell-specific protein'
2 non-polymer 'CITRIC ACID'
3 water water
#
_entity_poly.entity_id   1
_entity_poly.type   'polypeptide(L)'
_entity_poly.pdbx_seq_one_letter_code
;GHMDRAPLTATAPQLDDEEMYSAHMPAHLRCDACRAVAYQMWQNLAKAETKLHTSNSGGRRELSELVYTDVLDRSCSRNW
QDYGVREVDQVKRLTGPGLSEGPEPSISVMVTGGPWPTRLSRTCLHYLGEFGEDQIYEAHQQGRGALEALLCGGPQGACS
EKVSAT
;
_entity_poly.pdbx_strand_id   A,B
#
# COMPACT_ATOMS: atom_id res chain seq x y z
N MET A 20 27.77 1.86 -3.53
CA MET A 20 26.64 2.09 -4.43
C MET A 20 26.65 1.14 -5.62
N TYR A 21 27.69 0.32 -5.73
CA TYR A 21 27.83 -0.58 -6.87
C TYR A 21 27.30 -1.98 -6.58
N SER A 22 27.17 -2.39 -5.33
CA SER A 22 26.78 -3.75 -5.02
C SER A 22 25.32 -3.98 -5.38
N ALA A 23 25.03 -5.16 -5.94
CA ALA A 23 23.67 -5.60 -6.16
C ALA A 23 23.05 -6.26 -4.93
N HIS A 24 23.83 -6.44 -3.87
CA HIS A 24 23.35 -7.04 -2.63
C HIS A 24 22.80 -5.96 -1.71
N MET A 25 21.84 -6.35 -0.90
CA MET A 25 21.29 -5.44 0.09
C MET A 25 22.28 -5.22 1.23
N PRO A 26 22.62 -3.98 1.57
CA PRO A 26 23.51 -3.74 2.73
C PRO A 26 22.97 -4.38 4.00
N ALA A 27 23.89 -4.82 4.86
CA ALA A 27 23.52 -5.72 5.95
C ALA A 27 22.55 -5.06 6.94
N HIS A 28 22.83 -3.81 7.31
CA HIS A 28 21.95 -3.14 8.27
C HIS A 28 20.56 -2.92 7.72
N LEU A 29 20.36 -3.02 6.39
CA LEU A 29 19.07 -2.79 5.76
C LEU A 29 18.29 -4.06 5.48
N ARG A 30 18.83 -5.23 5.79
CA ARG A 30 18.16 -6.48 5.43
C ARG A 30 16.81 -6.65 6.14
N CYS A 31 16.70 -6.20 7.40
CA CYS A 31 15.41 -6.33 8.06
C CYS A 31 14.35 -5.45 7.40
N ASP A 32 14.68 -4.17 7.15
CA ASP A 32 13.78 -3.25 6.45
C ASP A 32 13.38 -3.83 5.08
N ALA A 33 14.37 -4.33 4.33
CA ALA A 33 14.08 -4.92 3.03
C ALA A 33 13.14 -6.11 3.14
N CYS A 34 13.36 -6.97 4.14
CA CYS A 34 12.50 -8.12 4.32
C CYS A 34 11.07 -7.69 4.62
N ARG A 35 10.90 -6.69 5.50
CA ARG A 35 9.55 -6.21 5.81
C ARG A 35 8.87 -5.58 4.58
N ALA A 36 9.66 -4.90 3.73
CA ALA A 36 9.12 -4.32 2.50
C ALA A 36 8.62 -5.41 1.56
N VAL A 37 9.41 -6.47 1.40
CA VAL A 37 9.02 -7.61 0.57
C VAL A 37 7.78 -8.28 1.12
N ALA A 38 7.73 -8.52 2.43
CA ALA A 38 6.58 -9.19 3.02
C ALA A 38 5.31 -8.36 2.81
N TYR A 39 5.44 -7.03 2.95
CA TYR A 39 4.29 -6.14 2.77
C TYR A 39 3.78 -6.17 1.33
N GLN A 40 4.69 -6.10 0.35
CA GLN A 40 4.27 -6.08 -1.05
C GLN A 40 3.77 -7.45 -1.51
N MET A 41 4.30 -8.55 -0.98
CA MET A 41 3.75 -9.86 -1.30
C MET A 41 2.31 -9.95 -0.82
N TRP A 42 2.10 -9.51 0.43
CA TRP A 42 0.75 -9.51 1.01
C TRP A 42 -0.21 -8.64 0.20
N GLN A 43 0.23 -7.43 -0.17
CA GLN A 43 -0.63 -6.52 -0.92
C GLN A 43 -1.01 -7.11 -2.26
N ASN A 44 -0.03 -7.70 -2.97
CA ASN A 44 -0.30 -8.24 -4.29
C ASN A 44 -1.26 -9.43 -4.23
N LEU A 45 -1.09 -10.29 -3.22
CA LEU A 45 -2.02 -11.41 -3.05
C LEU A 45 -3.43 -10.94 -2.67
N ALA A 46 -3.52 -9.96 -1.76
CA ALA A 46 -4.84 -9.47 -1.36
C ALA A 46 -5.54 -8.81 -2.54
N LYS A 47 -4.80 -8.05 -3.36
CA LYS A 47 -5.42 -7.41 -4.51
C LYS A 47 -5.90 -8.43 -5.53
N ALA A 48 -5.16 -9.52 -5.70
CA ALA A 48 -5.60 -10.56 -6.64
C ALA A 48 -6.84 -11.28 -6.11
N GLU A 49 -6.90 -11.56 -4.80
CA GLU A 49 -8.09 -12.17 -4.22
C GLU A 49 -9.32 -11.30 -4.48
N THR A 50 -9.15 -9.98 -4.36
CA THR A 50 -10.26 -9.06 -4.60
C THR A 50 -10.61 -9.01 -6.07
N LYS A 51 -9.60 -8.87 -6.94
CA LYS A 51 -9.84 -8.72 -8.38
C LYS A 51 -10.58 -9.92 -8.95
N LEU A 52 -10.23 -11.12 -8.52
CA LEU A 52 -10.82 -12.33 -9.07
C LEU A 52 -12.13 -12.71 -8.41
N HIS A 53 -12.60 -11.92 -7.45
CA HIS A 53 -13.85 -12.20 -6.75
C HIS A 53 -13.78 -13.59 -6.13
N THR A 54 -12.62 -13.90 -5.56
CA THR A 54 -12.40 -15.18 -4.90
C THR A 54 -13.46 -15.41 -3.84
N SER A 55 -13.98 -16.65 -3.80
N SER A 55 -13.97 -16.64 -3.77
CA SER A 55 -15.03 -16.99 -2.86
CA SER A 55 -15.05 -16.96 -2.86
C SER A 55 -14.53 -16.80 -1.43
C SER A 55 -14.58 -16.90 -1.42
N ASN A 56 -15.42 -16.32 -0.56
CA ASN A 56 -15.16 -16.21 0.87
C ASN A 56 -15.79 -17.45 1.50
N SER A 57 -14.95 -18.43 1.82
CA SER A 57 -15.39 -19.66 2.47
C SER A 57 -14.55 -19.87 3.72
N GLY A 58 -15.21 -20.13 4.84
CA GLY A 58 -14.48 -20.36 6.07
C GLY A 58 -13.67 -19.19 6.56
N GLY A 59 -14.04 -17.97 6.17
CA GLY A 59 -13.33 -16.79 6.60
C GLY A 59 -12.09 -16.45 5.81
N ARG A 60 -11.86 -17.12 4.68
CA ARG A 60 -10.68 -16.89 3.85
C ARG A 60 -11.07 -16.85 2.38
N ARG A 61 -10.27 -16.12 1.61
CA ARG A 61 -10.34 -16.09 0.15
CA ARG A 61 -10.35 -16.12 0.15
C ARG A 61 -9.09 -16.83 -0.32
N GLU A 62 -9.26 -18.03 -0.91
CA GLU A 62 -8.11 -18.87 -1.27
C GLU A 62 -7.94 -19.03 -2.78
N LEU A 63 -6.89 -18.40 -3.30
CA LEU A 63 -6.46 -18.56 -4.68
C LEU A 63 -5.97 -19.98 -4.95
N SER A 64 -6.14 -20.40 -6.20
CA SER A 64 -5.53 -21.64 -6.66
C SER A 64 -4.01 -21.53 -6.70
N GLU A 65 -3.35 -22.70 -6.67
CA GLU A 65 -1.88 -22.73 -6.63
C GLU A 65 -1.24 -22.07 -7.85
N LEU A 66 -1.79 -22.29 -9.05
CA LEU A 66 -1.20 -21.62 -10.20
C LEU A 66 -1.28 -20.10 -10.05
N VAL A 67 -2.39 -19.60 -9.50
CA VAL A 67 -2.56 -18.16 -9.41
C VAL A 67 -1.72 -17.56 -8.29
N TYR A 68 -1.73 -18.16 -7.08
CA TYR A 68 -0.88 -17.55 -6.04
C TYR A 68 0.58 -17.64 -6.39
N THR A 69 0.99 -18.68 -7.13
CA THR A 69 2.39 -18.78 -7.56
C THR A 69 2.73 -17.69 -8.58
N ASP A 70 1.86 -17.50 -9.58
CA ASP A 70 2.04 -16.43 -10.57
C ASP A 70 2.05 -15.06 -9.90
N VAL A 71 1.10 -14.79 -9.00
CA VAL A 71 1.05 -13.48 -8.34
C VAL A 71 2.32 -13.23 -7.54
N LEU A 72 2.74 -14.22 -6.77
CA LEU A 72 3.94 -14.03 -5.96
C LEU A 72 5.18 -13.86 -6.83
N ASP A 73 5.30 -14.70 -7.87
CA ASP A 73 6.50 -14.65 -8.70
C ASP A 73 6.60 -13.32 -9.45
N ARG A 74 5.47 -12.75 -9.86
CA ARG A 74 5.49 -11.47 -10.55
C ARG A 74 5.57 -10.28 -9.60
N SER A 75 5.25 -10.47 -8.33
CA SER A 75 5.27 -9.33 -7.42
C SER A 75 6.67 -8.75 -7.31
N CYS A 76 7.69 -9.59 -7.49
CA CYS A 76 9.06 -9.10 -7.38
C CYS A 76 9.46 -8.22 -8.55
N SER A 77 8.70 -8.24 -9.65
CA SER A 77 8.95 -7.42 -10.84
C SER A 77 8.28 -6.06 -10.76
N ARG A 78 7.67 -5.74 -9.62
CA ARG A 78 7.01 -4.47 -9.48
C ARG A 78 8.01 -3.33 -9.59
N ASN A 79 7.45 -2.13 -9.70
CA ASN A 79 8.19 -0.88 -9.63
C ASN A 79 8.45 -0.60 -8.15
N TRP A 80 9.71 -0.75 -7.75
CA TRP A 80 10.20 -0.53 -6.40
C TRP A 80 10.62 0.93 -6.15
N GLN A 81 10.14 1.87 -6.95
CA GLN A 81 10.52 3.26 -6.75
C GLN A 81 9.85 3.91 -5.55
N ASP A 82 8.97 3.19 -4.86
CA ASP A 82 8.34 3.67 -3.63
C ASP A 82 9.17 3.41 -2.36
N TYR A 83 10.30 2.71 -2.47
CA TYR A 83 11.22 2.50 -1.36
C TYR A 83 12.51 3.28 -1.60
N GLY A 84 13.14 3.71 -0.52
CA GLY A 84 14.36 4.49 -0.63
C GLY A 84 15.09 4.55 0.68
N VAL A 85 16.26 5.18 0.65
N VAL A 85 16.26 5.18 0.65
CA VAL A 85 17.15 5.23 1.82
CA VAL A 85 17.14 5.25 1.80
C VAL A 85 17.19 6.65 2.37
C VAL A 85 17.15 6.67 2.37
N ARG A 86 17.16 6.74 3.69
CA ARG A 86 17.17 8.00 4.41
C ARG A 86 18.10 7.84 5.60
N GLU A 87 18.44 8.96 6.24
CA GLU A 87 19.23 8.93 7.45
C GLU A 87 18.32 9.26 8.63
N VAL A 88 18.38 8.45 9.68
CA VAL A 88 17.57 8.65 10.87
C VAL A 88 18.47 8.51 12.07
N ASP A 89 18.55 9.57 12.87
CA ASP A 89 19.44 9.59 14.03
C ASP A 89 20.85 9.10 13.65
N GLN A 90 21.33 9.57 12.49
CA GLN A 90 22.70 9.37 12.02
C GLN A 90 22.99 7.97 11.50
N VAL A 91 21.97 7.20 11.12
CA VAL A 91 22.21 5.90 10.52
C VAL A 91 21.30 5.74 9.31
N LYS A 92 21.84 5.12 8.26
CA LYS A 92 21.06 4.87 7.06
C LYS A 92 20.01 3.79 7.32
N ARG A 93 18.80 4.03 6.80
CA ARG A 93 17.69 3.11 6.91
C ARG A 93 16.91 3.10 5.59
N LEU A 94 16.25 1.99 5.31
CA LEU A 94 15.41 1.87 4.14
C LEU A 94 13.96 1.97 4.60
N THR A 95 13.15 2.78 3.90
CA THR A 95 11.74 2.87 4.24
CA THR A 95 11.74 2.94 4.24
C THR A 95 10.87 3.02 3.00
N GLY A 96 9.56 2.95 3.25
CA GLY A 96 8.53 3.00 2.24
C GLY A 96 7.27 2.34 2.76
N PRO A 97 6.33 2.04 1.87
CA PRO A 97 5.02 1.54 2.30
C PRO A 97 5.12 0.33 3.21
N GLY A 98 4.37 0.38 4.32
CA GLY A 98 4.27 -0.73 5.23
C GLY A 98 5.27 -0.73 6.38
N LEU A 99 6.28 0.14 6.33
CA LEU A 99 7.37 0.10 7.29
C LEU A 99 7.19 1.06 8.47
N SER A 100 6.07 1.78 8.51
CA SER A 100 5.75 2.68 9.63
C SER A 100 4.49 2.18 10.31
N GLU A 101 4.49 2.22 11.64
CA GLU A 101 3.31 1.74 12.37
C GLU A 101 2.14 2.71 12.29
N GLY A 102 2.42 3.98 12.00
CA GLY A 102 1.43 4.97 11.68
C GLY A 102 2.17 6.05 10.93
N PRO A 103 1.50 7.13 10.58
CA PRO A 103 2.21 8.22 9.90
C PRO A 103 3.26 8.84 10.80
N GLU A 104 4.36 9.29 10.19
CA GLU A 104 5.51 9.80 10.92
C GLU A 104 5.34 11.30 11.20
N PRO A 105 5.57 11.77 12.45
CA PRO A 105 5.36 13.19 12.75
C PRO A 105 6.18 14.16 11.93
N SER A 106 7.39 13.79 11.52
CA SER A 106 8.29 14.70 10.84
C SER A 106 8.55 14.27 9.40
N ILE A 107 8.78 15.28 8.56
CA ILE A 107 9.22 15.08 7.18
C ILE A 107 10.45 14.18 7.15
N SER A 108 10.53 13.33 6.13
CA SER A 108 11.78 12.68 5.81
C SER A 108 12.02 12.72 4.31
N VAL A 109 13.30 12.73 3.98
CA VAL A 109 13.76 12.83 2.60
C VAL A 109 14.49 11.53 2.28
N MET A 110 14.02 10.81 1.28
CA MET A 110 14.59 9.53 0.90
CA MET A 110 14.70 9.58 0.92
C MET A 110 15.07 9.57 -0.55
N VAL A 111 16.10 8.79 -0.87
CA VAL A 111 16.60 8.62 -2.22
C VAL A 111 16.10 7.28 -2.74
N THR A 112 15.34 7.32 -3.84
CA THR A 112 14.80 6.13 -4.49
C THR A 112 15.47 5.93 -5.84
N GLY A 113 15.21 4.77 -6.45
CA GLY A 113 15.87 4.47 -7.72
C GLY A 113 17.33 4.10 -7.51
N GLY A 114 18.16 4.43 -8.49
CA GLY A 114 19.55 4.03 -8.42
C GLY A 114 19.67 2.53 -8.28
N PRO A 115 20.45 2.04 -7.31
CA PRO A 115 20.57 0.58 -7.14
C PRO A 115 19.40 -0.08 -6.41
N TRP A 116 18.50 0.69 -5.82
CA TRP A 116 17.57 0.10 -4.85
C TRP A 116 16.55 -0.85 -5.49
N PRO A 117 15.98 -0.54 -6.66
CA PRO A 117 15.07 -1.52 -7.29
C PRO A 117 15.72 -2.85 -7.62
N THR A 118 16.93 -2.83 -8.15
CA THR A 118 17.61 -4.09 -8.44
C THR A 118 17.86 -4.89 -7.16
N ARG A 119 18.25 -4.19 -6.08
CA ARG A 119 18.52 -4.85 -4.81
C ARG A 119 17.25 -5.44 -4.20
N LEU A 120 16.14 -4.71 -4.25
CA LEU A 120 14.88 -5.19 -3.66
C LEU A 120 14.27 -6.34 -4.47
N SER A 121 14.32 -6.25 -5.80
N SER A 121 14.30 -6.24 -5.80
CA SER A 121 13.82 -7.34 -6.62
CA SER A 121 13.86 -7.33 -6.67
C SER A 121 14.62 -8.62 -6.38
C SER A 121 14.62 -8.61 -6.35
N ARG A 122 15.94 -8.50 -6.25
CA ARG A 122 16.77 -9.65 -5.92
C ARG A 122 16.37 -10.26 -4.57
N THR A 123 16.28 -9.42 -3.54
CA THR A 123 15.86 -9.91 -2.22
C THR A 123 14.52 -10.62 -2.30
N CYS A 124 13.55 -10.00 -2.99
CA CYS A 124 12.21 -10.58 -3.15
C CYS A 124 12.27 -11.96 -3.81
N LEU A 125 13.01 -12.09 -4.92
CA LEU A 125 13.04 -13.35 -5.67
C LEU A 125 13.74 -14.43 -4.85
N HIS A 126 14.78 -14.06 -4.11
CA HIS A 126 15.46 -15.05 -3.30
C HIS A 126 14.58 -15.55 -2.15
N TYR A 127 13.71 -14.71 -1.58
CA TYR A 127 12.80 -15.21 -0.55
C TYR A 127 11.79 -16.21 -1.10
N LEU A 128 11.34 -16.03 -2.36
CA LEU A 128 10.46 -17.01 -2.98
C LEU A 128 11.13 -18.38 -3.03
N GLY A 129 12.41 -18.42 -3.43
CA GLY A 129 13.12 -19.68 -3.51
C GLY A 129 13.43 -20.27 -2.14
N GLU A 130 13.74 -19.40 -1.15
CA GLU A 130 14.11 -19.90 0.17
C GLU A 130 12.93 -20.56 0.87
N PHE A 131 11.76 -19.95 0.82
CA PHE A 131 10.61 -20.42 1.58
C PHE A 131 9.58 -21.17 0.74
N GLY A 132 9.50 -20.90 -0.56
CA GLY A 132 8.50 -21.51 -1.41
C GLY A 132 7.16 -20.79 -1.45
N GLU A 133 6.58 -20.72 -2.64
CA GLU A 133 5.33 -20.01 -2.84
C GLU A 133 4.19 -20.63 -2.03
N ASP A 134 4.14 -21.97 -1.94
CA ASP A 134 3.08 -22.63 -1.18
C ASP A 134 3.11 -22.17 0.29
N GLN A 135 4.30 -22.19 0.89
CA GLN A 135 4.43 -21.82 2.30
C GLN A 135 4.15 -20.33 2.50
N ILE A 136 4.62 -19.49 1.58
CA ILE A 136 4.35 -18.06 1.67
C ILE A 136 2.86 -17.79 1.60
N TYR A 137 2.15 -18.45 0.70
CA TYR A 137 0.71 -18.22 0.60
C TYR A 137 0.00 -18.66 1.88
N GLU A 138 0.39 -19.80 2.46
CA GLU A 138 -0.22 -20.25 3.72
CA GLU A 138 -0.26 -20.24 3.69
C GLU A 138 -0.05 -19.21 4.81
N ALA A 139 1.15 -18.62 4.89
CA ALA A 139 1.38 -17.56 5.87
C ALA A 139 0.55 -16.32 5.58
N HIS A 140 0.46 -15.91 4.31
CA HIS A 140 -0.42 -14.82 3.92
C HIS A 140 -1.84 -15.02 4.41
N GLN A 141 -2.37 -16.23 4.29
CA GLN A 141 -3.73 -16.53 4.73
C GLN A 141 -3.89 -16.30 6.22
N GLN A 142 -2.82 -16.49 7.00
CA GLN A 142 -2.87 -16.21 8.43
C GLN A 142 -2.72 -14.73 8.73
N GLY A 143 -2.34 -13.91 7.75
CA GLY A 143 -2.26 -12.47 7.94
C GLY A 143 -0.92 -11.86 7.56
N ARG A 144 -0.92 -10.54 7.36
CA ARG A 144 0.31 -9.83 7.05
C ARG A 144 1.40 -10.15 8.08
N GLY A 145 1.04 -10.19 9.37
CA GLY A 145 2.05 -10.44 10.40
C GLY A 145 2.67 -11.82 10.29
N ALA A 146 1.87 -12.82 9.95
CA ALA A 146 2.39 -14.17 9.82
C ALA A 146 3.32 -14.30 8.62
N LEU A 147 3.04 -13.56 7.55
CA LEU A 147 3.95 -13.59 6.40
C LEU A 147 5.29 -12.96 6.79
N GLU A 148 5.25 -11.81 7.45
CA GLU A 148 6.48 -11.18 7.91
CA GLU A 148 6.48 -11.18 7.91
C GLU A 148 7.25 -12.10 8.86
N ALA A 149 6.54 -12.76 9.78
CA ALA A 149 7.22 -13.67 10.69
C ALA A 149 7.92 -14.82 9.96
N LEU A 150 7.28 -15.35 8.92
CA LEU A 150 7.89 -16.43 8.15
C LEU A 150 9.17 -15.96 7.49
N LEU A 151 9.11 -14.85 6.74
CA LEU A 151 10.27 -14.44 5.93
C LEU A 151 11.36 -13.83 6.79
N CYS A 152 10.97 -13.09 7.84
CA CYS A 152 11.89 -12.19 8.51
C CYS A 152 12.12 -12.51 9.97
N GLY A 153 11.34 -13.41 10.57
N GLY A 153 11.18 -13.16 10.64
CA GLY A 153 11.38 -13.64 11.99
CA GLY A 153 11.18 -13.17 12.09
C GLY A 153 12.02 -14.97 12.37
C GLY A 153 11.40 -14.56 12.62
N GLY A 154 12.01 -15.23 13.67
N GLY A 154 11.47 -15.50 11.69
CA GLY A 154 12.60 -16.42 14.20
CA GLY A 154 11.70 -16.87 12.05
C GLY A 154 14.11 -16.32 14.32
C GLY A 154 13.13 -17.07 12.51
N PRO A 155 14.70 -17.22 15.11
N PRO A 155 13.69 -18.24 12.23
CA PRO A 155 16.14 -17.15 15.46
CA PRO A 155 15.00 -18.59 12.77
C PRO A 155 17.15 -16.65 14.43
C PRO A 155 16.11 -17.92 11.98
N GLN A 156 16.89 -16.78 13.12
N GLN A 156 16.96 -17.18 12.67
CA GLN A 156 17.90 -16.43 12.11
CA GLN A 156 18.01 -16.39 12.03
C GLN A 156 17.40 -15.53 10.99
C GLN A 156 17.44 -15.42 10.99
N GLY A 157 16.14 -15.11 11.03
CA GLY A 157 15.62 -14.19 10.04
C GLY A 157 16.31 -12.84 10.12
N ALA A 158 16.13 -12.06 9.05
CA ALA A 158 16.74 -10.73 8.98
C ALA A 158 16.31 -9.83 10.12
N CYS A 159 15.12 -10.02 10.66
CA CYS A 159 14.61 -9.21 11.76
C CYS A 159 14.68 -9.93 13.10
N SER A 160 15.51 -10.97 13.20
CA SER A 160 15.61 -11.73 14.45
C SER A 160 16.06 -10.83 15.60
N GLU A 161 15.42 -11.01 16.75
CA GLU A 161 15.72 -10.26 17.97
C GLU A 161 16.49 -11.09 18.98
N LYS A 162 17.04 -12.24 18.58
CA LYS A 162 17.74 -13.14 19.48
C LYS A 162 19.23 -13.14 19.16
N VAL A 163 20.07 -12.98 20.18
CA VAL A 163 21.53 -13.02 20.01
C VAL A 163 21.95 -14.48 20.18
N SER A 164 21.78 -15.24 19.10
CA SER A 164 22.03 -16.68 19.14
C SER A 164 23.46 -16.93 19.60
N ALA A 165 23.62 -17.91 20.48
CA ALA A 165 24.93 -18.23 21.03
C ALA A 165 25.86 -18.81 19.96
N THR A 166 27.09 -18.31 19.93
CA THR A 166 28.12 -18.80 19.01
C THR A 166 29.45 -19.00 19.70
N GLU B 18 7.98 24.77 1.78
CA GLU B 18 7.02 25.76 1.28
C GLU B 18 5.67 25.60 1.96
N GLU B 19 5.36 26.49 2.92
CA GLU B 19 4.09 26.44 3.64
C GLU B 19 3.86 25.08 4.27
N MET B 20 4.94 24.44 4.72
CA MET B 20 4.86 23.11 5.31
C MET B 20 4.16 23.10 6.64
N TYR B 21 3.85 24.27 7.21
CA TYR B 21 3.03 24.35 8.42
C TYR B 21 1.54 24.15 8.14
N SER B 22 1.12 24.23 6.89
CA SER B 22 -0.30 24.29 6.56
C SER B 22 -0.87 22.90 6.35
N ALA B 23 -2.07 22.65 6.88
CA ALA B 23 -2.78 21.40 6.65
C ALA B 23 -3.60 21.41 5.36
N HIS B 24 -3.64 22.54 4.66
CA HIS B 24 -4.33 22.64 3.38
C HIS B 24 -3.45 22.07 2.26
N MET B 25 -4.10 21.54 1.25
CA MET B 25 -3.38 20.90 0.16
C MET B 25 -2.93 21.94 -0.86
N PRO B 26 -1.65 21.95 -1.25
CA PRO B 26 -1.20 22.86 -2.32
C PRO B 26 -2.02 22.69 -3.59
N ALA B 27 -2.38 23.82 -4.21
CA ALA B 27 -3.30 23.80 -5.34
C ALA B 27 -2.85 22.86 -6.44
N HIS B 28 -1.57 22.90 -6.79
CA HIS B 28 -1.12 22.10 -7.91
C HIS B 28 -1.13 20.60 -7.62
N LEU B 29 -1.35 20.19 -6.37
CA LEU B 29 -1.44 18.79 -5.99
C LEU B 29 -2.85 18.31 -5.69
N ARG B 30 -3.86 19.16 -5.82
CA ARG B 30 -5.21 18.78 -5.44
C ARG B 30 -5.78 17.68 -6.35
N CYS B 31 -5.46 17.70 -7.65
CA CYS B 31 -5.97 16.65 -8.52
C CYS B 31 -5.35 15.30 -8.17
N ASP B 32 -4.02 15.26 -7.98
CA ASP B 32 -3.36 14.01 -7.58
C ASP B 32 -3.92 13.51 -6.25
N ALA B 33 -4.13 14.42 -5.30
CA ALA B 33 -4.68 14.03 -4.01
C ALA B 33 -6.07 13.42 -4.18
N CYS B 34 -6.90 14.03 -5.03
CA CYS B 34 -8.23 13.50 -5.26
C CYS B 34 -8.18 12.09 -5.86
N ARG B 35 -7.29 11.88 -6.82
CA ARG B 35 -7.16 10.56 -7.42
CA ARG B 35 -7.16 10.56 -7.42
C ARG B 35 -6.70 9.53 -6.41
N ALA B 36 -5.82 9.94 -5.49
CA ALA B 36 -5.37 9.03 -4.43
C ALA B 36 -6.54 8.64 -3.51
N VAL B 37 -7.35 9.62 -3.15
CA VAL B 37 -8.51 9.35 -2.28
C VAL B 37 -9.49 8.42 -3.00
N ALA B 38 -9.77 8.71 -4.27
CA ALA B 38 -10.69 7.88 -5.04
C ALA B 38 -10.19 6.44 -5.14
N TYR B 39 -8.87 6.26 -5.34
CA TYR B 39 -8.31 4.92 -5.42
C TYR B 39 -8.48 4.19 -4.09
N GLN B 40 -8.17 4.86 -2.97
CA GLN B 40 -8.23 4.18 -1.67
C GLN B 40 -9.67 3.89 -1.25
N MET B 41 -10.61 4.81 -1.54
CA MET B 41 -12.01 4.51 -1.28
C MET B 41 -12.47 3.31 -2.10
N TRP B 42 -12.08 3.26 -3.37
CA TRP B 42 -12.46 2.15 -4.24
C TRP B 42 -11.88 0.83 -3.72
N GLN B 43 -10.59 0.81 -3.37
CA GLN B 43 -9.98 -0.45 -2.96
CA GLN B 43 -9.95 -0.42 -2.94
C GLN B 43 -10.57 -0.95 -1.66
N ASN B 44 -10.86 -0.05 -0.73
CA ASN B 44 -11.40 -0.47 0.56
C ASN B 44 -12.83 -0.97 0.43
N LEU B 45 -13.63 -0.34 -0.44
CA LEU B 45 -14.98 -0.83 -0.68
C LEU B 45 -14.96 -2.17 -1.41
N ALA B 46 -14.06 -2.33 -2.39
CA ALA B 46 -13.99 -3.56 -3.14
C ALA B 46 -13.59 -4.72 -2.22
N LYS B 47 -12.62 -4.49 -1.35
CA LYS B 47 -12.23 -5.53 -0.38
C LYS B 47 -13.40 -5.92 0.51
N ALA B 48 -14.16 -4.93 1.01
CA ALA B 48 -15.29 -5.22 1.87
C ALA B 48 -16.32 -6.07 1.13
N GLU B 49 -16.55 -5.77 -0.14
CA GLU B 49 -17.51 -6.54 -0.93
C GLU B 49 -17.07 -7.99 -1.11
N THR B 50 -15.76 -8.25 -1.22
CA THR B 50 -15.36 -9.65 -1.40
C THR B 50 -15.56 -10.46 -0.13
N LYS B 51 -15.61 -9.81 1.03
CA LYS B 51 -15.88 -10.51 2.29
C LYS B 51 -17.37 -10.74 2.53
N LEU B 52 -18.25 -10.24 1.67
CA LEU B 52 -19.67 -10.53 1.79
C LEU B 52 -19.96 -12.02 1.61
N HIS B 53 -20.87 -12.53 2.41
CA HIS B 53 -21.29 -13.92 2.28
C HIS B 53 -22.35 -14.03 1.19
N THR B 54 -22.13 -14.92 0.24
N THR B 54 -22.14 -14.96 0.26
CA THR B 54 -23.07 -15.16 -0.85
CA THR B 54 -23.04 -15.19 -0.87
C THR B 54 -23.82 -16.46 -0.61
C THR B 54 -23.81 -16.49 -0.66
N SER B 55 -25.10 -16.47 -0.98
CA SER B 55 -25.94 -17.65 -0.84
C SER B 55 -25.63 -18.65 -1.95
N ASN B 56 -26.06 -19.90 -1.72
CA ASN B 56 -25.85 -20.95 -2.73
C ASN B 56 -26.51 -20.59 -4.05
N SER B 57 -27.60 -19.82 -4.03
CA SER B 57 -28.25 -19.36 -5.24
C SER B 57 -27.41 -18.33 -6.01
N GLY B 58 -26.38 -17.77 -5.38
CA GLY B 58 -25.44 -16.91 -6.07
C GLY B 58 -25.88 -15.48 -6.29
N GLY B 59 -26.84 -14.98 -5.49
CA GLY B 59 -27.24 -13.59 -5.59
C GLY B 59 -26.06 -12.65 -5.51
N ARG B 60 -26.09 -11.56 -6.29
CA ARG B 60 -24.99 -10.58 -6.32
C ARG B 60 -25.24 -9.51 -5.27
N ARG B 61 -24.50 -9.59 -4.16
CA ARG B 61 -24.82 -8.79 -2.98
C ARG B 61 -24.06 -7.47 -2.97
N GLU B 62 -24.64 -6.49 -2.29
CA GLU B 62 -24.04 -5.17 -2.10
C GLU B 62 -23.87 -4.92 -0.62
N LEU B 63 -22.97 -3.99 -0.28
CA LEU B 63 -22.78 -3.65 1.12
C LEU B 63 -24.00 -2.92 1.67
N SER B 64 -24.33 -3.19 2.93
CA SER B 64 -25.38 -2.41 3.58
C SER B 64 -24.89 -0.99 3.85
N GLU B 65 -25.85 -0.09 4.04
CA GLU B 65 -25.54 1.31 4.29
C GLU B 65 -24.62 1.49 5.50
N LEU B 66 -24.89 0.77 6.58
CA LEU B 66 -24.02 0.89 7.76
C LEU B 66 -22.60 0.45 7.43
N VAL B 67 -22.44 -0.60 6.64
CA VAL B 67 -21.10 -1.10 6.34
C VAL B 67 -20.37 -0.19 5.35
N TYR B 68 -21.03 0.23 4.25
CA TYR B 68 -20.29 1.09 3.33
C TYR B 68 -19.95 2.44 3.96
N THR B 69 -20.80 2.93 4.87
CA THR B 69 -20.49 4.19 5.55
C THR B 69 -19.29 4.03 6.49
N ASP B 70 -19.27 2.94 7.26
CA ASP B 70 -18.14 2.67 8.14
C ASP B 70 -16.84 2.46 7.35
N VAL B 71 -16.91 1.69 6.25
CA VAL B 71 -15.71 1.42 5.45
C VAL B 71 -15.16 2.72 4.87
N LEU B 72 -16.04 3.55 4.30
CA LEU B 72 -15.58 4.81 3.73
C LEU B 72 -15.02 5.74 4.80
N ASP B 73 -15.73 5.85 5.92
CA ASP B 73 -15.29 6.76 6.97
C ASP B 73 -13.94 6.34 7.53
N ARG B 74 -13.74 5.03 7.76
N ARG B 74 -13.75 5.04 7.78
CA ARG B 74 -12.44 4.54 8.23
CA ARG B 74 -12.46 4.57 8.29
C ARG B 74 -11.33 4.73 7.20
C ARG B 74 -11.36 4.58 7.22
N SER B 75 -11.65 4.64 5.90
N SER B 75 -11.71 4.62 5.93
CA SER B 75 -10.61 4.74 4.88
CA SER B 75 -10.70 4.76 4.89
C SER B 75 -9.86 6.06 4.97
C SER B 75 -9.85 6.00 5.14
N CYS B 76 -10.52 7.11 5.47
CA CYS B 76 -9.82 8.40 5.61
C CYS B 76 -8.84 8.42 6.78
N SER B 77 -8.99 7.51 7.75
N SER B 77 -8.98 7.49 7.72
CA SER B 77 -8.05 7.41 8.85
CA SER B 77 -8.09 7.35 8.86
C SER B 77 -7.01 6.31 8.64
C SER B 77 -6.96 6.36 8.62
N ARG B 78 -6.83 5.86 7.40
CA ARG B 78 -5.71 4.98 7.06
C ARG B 78 -4.38 5.70 7.27
N ASN B 79 -3.31 4.94 7.25
CA ASN B 79 -1.95 5.48 7.29
C ASN B 79 -1.57 5.97 5.89
N TRP B 80 -1.58 7.29 5.69
CA TRP B 80 -1.28 7.88 4.39
C TRP B 80 0.21 8.10 4.15
N GLN B 81 1.08 7.50 4.99
CA GLN B 81 2.53 7.61 4.80
C GLN B 81 2.99 7.05 3.46
N ASP B 82 2.20 6.20 2.80
CA ASP B 82 2.55 5.62 1.50
C ASP B 82 2.33 6.57 0.32
N TYR B 83 1.98 7.83 0.56
CA TYR B 83 1.95 8.84 -0.50
C TYR B 83 2.98 9.90 -0.15
N GLY B 84 3.83 10.22 -1.13
CA GLY B 84 4.84 11.24 -0.96
C GLY B 84 4.88 12.17 -2.15
N VAL B 85 5.83 13.10 -2.10
CA VAL B 85 6.00 14.11 -3.14
C VAL B 85 7.37 13.93 -3.77
N ARG B 86 7.37 13.77 -5.09
CA ARG B 86 8.58 13.52 -5.86
C ARG B 86 8.78 14.73 -6.75
N GLU B 87 10.03 15.19 -6.87
CA GLU B 87 10.34 16.35 -7.70
C GLU B 87 11.17 15.91 -8.89
N VAL B 88 10.79 16.38 -10.07
CA VAL B 88 11.50 16.03 -11.31
C VAL B 88 11.68 17.32 -12.10
N ASP B 89 12.93 17.70 -12.34
CA ASP B 89 13.25 18.97 -12.99
C ASP B 89 12.41 20.11 -12.39
N GLN B 90 12.34 20.13 -11.06
CA GLN B 90 11.76 21.22 -10.30
C GLN B 90 10.23 21.26 -10.33
N VAL B 91 9.59 20.16 -10.72
CA VAL B 91 8.12 20.06 -10.73
C VAL B 91 7.69 18.98 -9.76
N LYS B 92 6.71 19.30 -8.92
CA LYS B 92 6.26 18.44 -7.83
C LYS B 92 5.05 17.61 -8.25
N ARG B 93 5.04 16.34 -7.86
CA ARG B 93 3.88 15.49 -8.06
CA ARG B 93 3.90 15.45 -8.09
C ARG B 93 3.74 14.53 -6.89
N LEU B 94 2.49 14.21 -6.55
CA LEU B 94 2.22 13.17 -5.57
CA LEU B 94 2.23 13.17 -5.56
C LEU B 94 2.44 11.79 -6.19
N THR B 95 3.01 10.89 -5.42
CA THR B 95 3.24 9.51 -5.85
C THR B 95 2.77 8.54 -4.79
N GLY B 96 2.25 7.39 -5.24
CA GLY B 96 1.81 6.34 -4.36
C GLY B 96 0.78 5.45 -5.04
N PRO B 97 0.15 4.55 -4.27
CA PRO B 97 -0.75 3.56 -4.89
C PRO B 97 -1.85 4.21 -5.72
N GLY B 98 -2.01 3.71 -6.95
CA GLY B 98 -3.01 4.22 -7.86
C GLY B 98 -2.58 5.39 -8.71
N LEU B 99 -1.44 6.01 -8.42
CA LEU B 99 -0.94 7.13 -9.20
C LEU B 99 0.19 6.67 -10.12
N SER B 100 0.57 7.51 -11.05
CA SER B 100 1.64 7.11 -11.98
C SER B 100 2.58 8.25 -12.32
N PRO B 105 12.28 7.52 -13.76
CA PRO B 105 13.38 8.36 -13.28
C PRO B 105 14.56 7.52 -12.79
N SER B 106 15.76 7.82 -13.29
CA SER B 106 16.95 7.06 -12.88
C SER B 106 17.10 7.08 -11.36
N ILE B 107 17.09 8.27 -10.77
CA ILE B 107 17.23 8.46 -9.32
C ILE B 107 16.37 9.65 -8.94
N SER B 108 15.68 9.56 -7.81
CA SER B 108 14.81 10.67 -7.46
C SER B 108 14.56 10.71 -5.97
N VAL B 109 14.50 11.90 -5.47
CA VAL B 109 14.22 12.14 -4.07
C VAL B 109 12.72 12.15 -3.87
N MET B 110 12.26 11.60 -2.76
N MET B 110 12.27 11.58 -2.76
CA MET B 110 10.85 11.69 -2.39
CA MET B 110 10.86 11.63 -2.36
C MET B 110 10.74 12.09 -0.93
C MET B 110 10.80 12.16 -0.93
N VAL B 111 9.82 13.02 -0.68
CA VAL B 111 9.53 13.52 0.67
C VAL B 111 8.26 12.85 1.16
N THR B 112 8.29 12.34 2.38
CA THR B 112 7.14 11.69 3.01
C THR B 112 6.99 12.20 4.44
N GLY B 113 5.85 11.88 5.05
CA GLY B 113 5.64 12.20 6.46
C GLY B 113 5.32 13.67 6.70
N GLY B 114 5.38 14.05 7.98
CA GLY B 114 5.12 15.43 8.35
C GLY B 114 3.72 15.84 7.93
N PRO B 115 3.58 16.97 7.21
CA PRO B 115 2.23 17.42 6.85
C PRO B 115 1.53 16.54 5.85
N TRP B 116 2.25 15.71 5.10
CA TRP B 116 1.61 15.04 3.97
C TRP B 116 0.50 14.08 4.41
N PRO B 117 0.71 13.18 5.38
CA PRO B 117 -0.42 12.32 5.78
C PRO B 117 -1.59 13.09 6.37
N THR B 118 -1.29 14.16 7.12
CA THR B 118 -2.35 14.99 7.70
C THR B 118 -3.17 15.69 6.63
N ARG B 119 -2.49 16.18 5.59
CA ARG B 119 -3.19 16.81 4.47
C ARG B 119 -4.10 15.82 3.76
N LEU B 120 -3.61 14.60 3.49
CA LEU B 120 -4.41 13.63 2.75
C LEU B 120 -5.61 13.15 3.56
N SER B 121 -5.44 12.95 4.87
N SER B 121 -5.42 12.92 4.88
CA SER B 121 -6.59 12.57 5.70
CA SER B 121 -6.54 12.59 5.75
C SER B 121 -7.64 13.67 5.72
C SER B 121 -7.62 13.66 5.69
N ARG B 122 -7.22 14.93 5.79
CA ARG B 122 -8.15 16.05 5.76
C ARG B 122 -8.90 16.10 4.43
N THR B 123 -8.17 15.99 3.32
CA THR B 123 -8.81 16.01 2.01
C THR B 123 -9.82 14.88 1.88
N CYS B 124 -9.43 13.68 2.30
CA CYS B 124 -10.31 12.52 2.23
C CYS B 124 -11.61 12.78 2.99
N LEU B 125 -11.51 13.22 4.25
CA LEU B 125 -12.74 13.29 5.03
C LEU B 125 -13.61 14.46 4.58
N HIS B 126 -12.99 15.52 4.06
CA HIS B 126 -13.78 16.60 3.48
C HIS B 126 -14.60 16.11 2.29
N TYR B 127 -14.08 15.14 1.51
CA TYR B 127 -14.88 14.60 0.42
C TYR B 127 -16.08 13.81 0.92
N LEU B 128 -15.97 13.13 2.07
CA LEU B 128 -17.12 12.46 2.66
C LEU B 128 -18.27 13.44 2.87
N GLY B 129 -17.97 14.63 3.40
CA GLY B 129 -19.01 15.62 3.62
C GLY B 129 -19.50 16.27 2.34
N GLU B 130 -18.61 16.43 1.37
CA GLU B 130 -19.02 17.07 0.12
C GLU B 130 -20.05 16.24 -0.63
N PHE B 131 -19.85 14.94 -0.70
CA PHE B 131 -20.69 14.05 -1.51
C PHE B 131 -21.62 13.15 -0.71
N GLY B 132 -21.22 12.74 0.49
CA GLY B 132 -21.97 11.76 1.22
C GLY B 132 -21.59 10.34 0.82
N GLU B 133 -21.64 9.45 1.80
CA GLU B 133 -21.25 8.06 1.60
C GLU B 133 -22.22 7.33 0.66
N ASP B 134 -23.51 7.70 0.65
CA ASP B 134 -24.46 7.06 -0.25
C ASP B 134 -24.07 7.31 -1.70
N GLN B 135 -23.83 8.57 -2.06
CA GLN B 135 -23.44 8.91 -3.43
C GLN B 135 -22.12 8.25 -3.79
N ILE B 136 -21.16 8.25 -2.88
CA ILE B 136 -19.86 7.63 -3.16
C ILE B 136 -20.04 6.14 -3.44
N TYR B 137 -20.84 5.45 -2.63
CA TYR B 137 -21.02 4.01 -2.86
C TYR B 137 -21.76 3.76 -4.17
N GLU B 138 -22.76 4.57 -4.48
N GLU B 138 -22.74 4.59 -4.50
CA GLU B 138 -23.45 4.45 -5.76
CA GLU B 138 -23.45 4.40 -5.76
C GLU B 138 -22.46 4.50 -6.91
C GLU B 138 -22.53 4.59 -6.97
N ALA B 139 -21.55 5.49 -6.87
CA ALA B 139 -20.54 5.62 -7.91
C ALA B 139 -19.60 4.42 -7.92
N HIS B 140 -19.14 3.99 -6.74
CA HIS B 140 -18.31 2.79 -6.66
C HIS B 140 -18.94 1.60 -7.37
N GLN B 141 -20.25 1.41 -7.21
CA GLN B 141 -20.93 0.27 -7.82
C GLN B 141 -20.91 0.34 -9.34
N GLN B 142 -20.72 1.51 -9.91
CA GLN B 142 -20.56 1.64 -11.36
C GLN B 142 -19.10 1.50 -11.78
N GLY B 143 -18.18 1.43 -10.83
CA GLY B 143 -16.81 1.06 -11.11
C GLY B 143 -15.82 2.08 -10.56
N ARG B 144 -14.56 1.64 -10.54
CA ARG B 144 -13.47 2.48 -10.10
C ARG B 144 -13.47 3.84 -10.79
N GLY B 145 -13.61 3.85 -12.12
CA GLY B 145 -13.53 5.11 -12.85
C GLY B 145 -14.67 6.04 -12.51
N ALA B 146 -15.85 5.48 -12.26
CA ALA B 146 -17.01 6.29 -11.90
C ALA B 146 -16.82 6.96 -10.54
N LEU B 147 -16.17 6.27 -9.59
CA LEU B 147 -15.93 6.90 -8.30
C LEU B 147 -15.00 8.10 -8.47
N GLU B 148 -13.90 7.91 -9.21
N GLU B 148 -13.89 7.91 -9.21
CA GLU B 148 -12.98 9.00 -9.47
CA GLU B 148 -12.98 9.03 -9.45
C GLU B 148 -13.65 10.15 -10.19
C GLU B 148 -13.68 10.17 -10.18
N ALA B 149 -14.54 9.84 -11.15
CA ALA B 149 -15.24 10.90 -11.87
C ALA B 149 -16.12 11.71 -10.92
N LEU B 150 -16.83 11.04 -10.01
CA LEU B 150 -17.65 11.76 -9.04
C LEU B 150 -16.80 12.70 -8.20
N LEU B 151 -15.72 12.18 -7.62
CA LEU B 151 -14.96 12.96 -6.64
C LEU B 151 -14.15 14.05 -7.31
N CYS B 152 -13.58 13.76 -8.48
CA CYS B 152 -12.54 14.59 -9.05
C CYS B 152 -12.91 15.27 -10.36
N GLY B 153 -13.98 14.85 -11.02
CA GLY B 153 -14.32 15.33 -12.36
C GLY B 153 -15.57 16.17 -12.51
N GLY B 154 -16.21 16.59 -11.42
CA GLY B 154 -17.45 17.33 -11.51
C GLY B 154 -17.21 18.78 -11.87
N PRO B 155 -18.30 19.56 -11.88
CA PRO B 155 -18.15 20.98 -12.25
C PRO B 155 -17.06 21.68 -11.46
N GLN B 156 -16.98 21.37 -10.17
CA GLN B 156 -15.99 21.95 -9.28
C GLN B 156 -14.91 20.94 -8.90
N GLY B 157 -14.56 20.04 -9.83
CA GLY B 157 -13.67 18.95 -9.52
C GLY B 157 -12.21 19.36 -9.55
N ALA B 158 -11.44 18.74 -8.65
CA ALA B 158 -10.02 19.07 -8.55
C ALA B 158 -9.28 18.79 -9.84
N CYS B 159 -9.76 17.84 -10.63
CA CYS B 159 -9.11 17.48 -11.89
C CYS B 159 -9.77 18.10 -13.11
N SER B 160 -10.80 18.92 -12.92
CA SER B 160 -11.53 19.54 -14.01
C SER B 160 -10.98 20.93 -14.25
#